data_7AVK
#
_entry.id   7AVK
#
_cell.length_a   65.380
_cell.length_b   47.990
_cell.length_c   48.380
_cell.angle_alpha   90.00
_cell.angle_beta   90.00
_cell.angle_gamma   90.00
#
_symmetry.space_group_name_H-M   'P 21 21 2'
#
loop_
_entity.id
_entity.type
_entity.pdbx_description
1 polymer 'LPXTG cell wall surface protein'
2 non-polymer isothiocyanate
3 water water
#
_entity_poly.entity_id   1
_entity_poly.type   'polypeptide(L)'
_entity_poly.pdbx_seq_one_letter_code
;VTHKAVHEFVSGTPGKELPQEVKALLPVDQTDLKDGIQVTPTQPSQTEVKTSEGTWSFKSYDKTSETVNGSDVKFVGTWE
FTASPAPT
;
_entity_poly.pdbx_strand_id   A,B
#
# COMPACT_ATOMS: atom_id res chain seq x y z
N VAL A 1 -6.08 25.21 0.31
CA VAL A 1 -5.00 24.40 -0.23
C VAL A 1 -5.53 23.26 -1.13
N THR A 2 -5.02 23.20 -2.40
CA THR A 2 -5.41 22.16 -3.33
C THR A 2 -4.65 20.88 -3.01
N HIS A 3 -5.33 19.75 -3.13
CA HIS A 3 -4.70 18.44 -2.92
C HIS A 3 -4.96 17.53 -4.11
N LYS A 4 -4.29 16.38 -4.09
CA LYS A 4 -4.42 15.39 -5.13
C LYS A 4 -4.50 14.00 -4.48
N ALA A 5 -4.96 13.04 -5.26
CA ALA A 5 -4.93 11.65 -4.89
C ALA A 5 -4.12 10.91 -5.95
N VAL A 6 -3.19 10.11 -5.50
CA VAL A 6 -2.33 9.31 -6.36
C VAL A 6 -2.57 7.83 -6.09
N HIS A 7 -2.12 7.01 -7.05
CA HIS A 7 -2.26 5.58 -7.01
C HIS A 7 -0.89 4.95 -7.03
N GLU A 8 -0.74 3.82 -6.34
CA GLU A 8 0.45 2.99 -6.38
CA GLU A 8 0.46 2.99 -6.40
C GLU A 8 0.00 1.55 -6.46
N PHE A 9 0.72 0.72 -7.25
CA PHE A 9 0.49 -0.71 -7.27
C PHE A 9 1.61 -1.44 -6.56
N VAL A 10 1.23 -2.53 -5.90
CA VAL A 10 2.17 -3.48 -5.30
C VAL A 10 1.77 -4.89 -5.73
N SER A 11 2.75 -5.78 -5.69
CA SER A 11 2.50 -7.20 -5.81
C SER A 11 2.10 -7.78 -4.45
N GLY A 12 1.00 -8.51 -4.42
CA GLY A 12 0.59 -9.27 -3.26
C GLY A 12 1.21 -10.64 -3.18
N THR A 13 2.08 -11.00 -4.12
CA THR A 13 2.66 -12.33 -4.22
C THR A 13 4.12 -12.22 -3.83
N PRO A 14 4.48 -12.68 -2.63
CA PRO A 14 5.89 -12.58 -2.18
C PRO A 14 6.85 -13.10 -3.23
N GLY A 15 7.89 -12.34 -3.44
CA GLY A 15 8.97 -12.72 -4.34
C GLY A 15 8.77 -12.31 -5.79
N LYS A 16 7.58 -11.91 -6.18
CA LYS A 16 7.26 -11.65 -7.59
C LYS A 16 7.02 -10.17 -7.80
N GLU A 17 7.87 -9.57 -8.63
CA GLU A 17 7.74 -8.16 -9.05
CA GLU A 17 7.72 -8.15 -8.98
C GLU A 17 6.67 -7.92 -10.12
N LEU A 18 6.01 -6.79 -10.04
CA LEU A 18 5.05 -6.45 -11.09
C LEU A 18 5.74 -6.20 -12.44
N PRO A 19 5.16 -6.68 -13.53
CA PRO A 19 5.72 -6.41 -14.85
C PRO A 19 5.17 -5.10 -15.39
N GLN A 20 5.85 -4.60 -16.45
CA GLN A 20 5.42 -3.36 -17.10
C GLN A 20 3.96 -3.42 -17.54
N GLU A 21 3.46 -4.57 -18.00
CA GLU A 21 2.10 -4.60 -18.50
C GLU A 21 1.09 -4.26 -17.40
N VAL A 22 1.41 -4.63 -16.16
CA VAL A 22 0.57 -4.26 -15.02
C VAL A 22 0.82 -2.82 -14.61
N LYS A 23 2.09 -2.43 -14.51
CA LYS A 23 2.42 -1.06 -14.13
C LYS A 23 1.72 -0.04 -15.04
N ALA A 24 1.61 -0.36 -16.33
CA ALA A 24 1.03 0.56 -17.29
C ALA A 24 -0.46 0.82 -17.04
N LEU A 25 -1.10 0.00 -16.22
CA LEU A 25 -2.49 0.21 -15.85
C LEU A 25 -2.67 1.17 -14.68
N LEU A 26 -1.57 1.72 -14.15
CA LEU A 26 -1.68 2.63 -13.01
C LEU A 26 -2.48 3.87 -13.42
N PRO A 27 -3.54 4.22 -12.72
CA PRO A 27 -4.33 5.41 -13.11
C PRO A 27 -3.57 6.70 -12.86
N VAL A 28 -3.98 7.73 -13.60
CA VAL A 28 -3.48 9.08 -13.38
C VAL A 28 -3.95 9.61 -12.03
N ASP A 29 -3.24 10.65 -11.56
CA ASP A 29 -3.63 11.33 -10.35
C ASP A 29 -4.98 12.00 -10.54
N GLN A 30 -5.73 12.06 -9.46
CA GLN A 30 -6.94 12.86 -9.36
CA GLN A 30 -6.94 12.88 -9.39
C GLN A 30 -6.56 14.21 -8.74
N THR A 31 -6.80 15.25 -9.46
N THR A 31 -6.92 15.34 -9.38
CA THR A 31 -6.25 16.53 -9.12
CA THR A 31 -6.39 16.68 -9.03
C THR A 31 -7.40 17.51 -8.84
C THR A 31 -7.48 17.63 -8.51
N ASP A 32 -7.01 18.68 -8.34
N ASP A 32 -7.02 18.76 -7.98
CA ASP A 32 -8.00 19.71 -7.97
CA ASP A 32 -7.85 19.93 -7.66
C ASP A 32 -9.03 19.18 -6.98
C ASP A 32 -8.67 19.75 -6.37
N LEU A 33 -8.61 18.30 -6.09
N LEU A 33 -8.24 18.87 -5.48
CA LEU A 33 -9.49 17.94 -5.00
CA LEU A 33 -9.00 18.54 -4.28
C LEU A 33 -9.36 18.97 -3.91
C LEU A 33 -8.83 19.63 -3.23
N LYS A 34 -10.30 18.91 -2.96
N LYS A 34 -9.75 19.74 -2.45
CA LYS A 34 -10.35 19.85 -1.86
CA LYS A 34 -9.82 20.58 -1.26
C LYS A 34 -10.68 19.11 -0.57
C LYS A 34 -10.26 19.73 -0.07
N ASP A 35 -10.39 19.77 0.54
N ASP A 35 -9.81 20.24 1.21
CA ASP A 35 -10.72 19.23 1.84
CA ASP A 35 -10.27 19.66 2.45
C ASP A 35 -12.21 18.94 1.93
C ASP A 35 -11.78 19.57 2.46
N GLY A 36 -12.54 17.80 2.52
N GLY A 36 -12.29 18.41 2.86
CA GLY A 36 -13.92 17.40 2.73
CA GLY A 36 -13.70 18.13 2.93
C GLY A 36 -14.53 16.55 1.62
C GLY A 36 -14.23 17.30 1.78
N ILE A 37 -13.82 16.32 0.57
N ILE A 37 -13.44 17.10 0.73
CA ILE A 37 -14.32 15.53 -0.54
CA ILE A 37 -13.87 16.36 -0.45
C ILE A 37 -13.94 14.08 -0.33
C ILE A 37 -13.53 14.87 -0.25
N GLN A 38 -14.89 13.22 -0.55
N GLN A 38 -14.54 14.01 -0.47
CA GLN A 38 -14.60 11.82 -0.61
CA GLN A 38 -14.33 12.55 -0.52
C GLN A 38 -14.01 11.52 -1.95
C GLN A 38 -13.86 12.10 -1.92
N VAL A 39 -12.84 11.12 -1.96
CA VAL A 39 -12.25 10.56 -3.16
CA VAL A 39 -12.22 10.57 -3.15
C VAL A 39 -12.30 9.04 -3.14
N THR A 40 -12.48 8.47 -4.34
CA THR A 40 -12.57 7.06 -4.56
C THR A 40 -11.50 6.70 -5.55
N PRO A 41 -10.74 5.63 -5.35
CA PRO A 41 -9.65 5.31 -6.28
C PRO A 41 -10.20 4.97 -7.66
N THR A 42 -9.41 5.32 -8.68
CA THR A 42 -9.75 4.95 -10.04
C THR A 42 -9.51 3.46 -10.26
N GLN A 43 -10.48 2.78 -10.86
CA GLN A 43 -10.29 1.38 -11.19
C GLN A 43 -9.23 1.24 -12.28
N PRO A 44 -8.34 0.26 -12.19
CA PRO A 44 -7.51 -0.08 -13.36
CA PRO A 44 -7.51 -0.02 -13.38
C PRO A 44 -8.43 -0.42 -14.53
N SER A 45 -8.04 -0.04 -15.75
CA SER A 45 -8.92 -0.19 -16.95
C SER A 45 -9.09 -1.68 -17.27
N GLN A 46 -8.11 -2.49 -16.91
CA GLN A 46 -8.18 -3.96 -16.98
C GLN A 46 -7.87 -4.48 -15.57
N THR A 47 -8.54 -5.53 -15.12
CA THR A 47 -8.29 -6.09 -13.77
C THR A 47 -7.67 -7.48 -13.87
N GLU A 48 -7.32 -7.93 -15.06
CA GLU A 48 -6.65 -9.23 -15.26
C GLU A 48 -5.62 -9.04 -16.37
N VAL A 49 -4.38 -9.47 -16.15
CA VAL A 49 -3.30 -9.38 -17.16
C VAL A 49 -2.72 -10.77 -17.30
N LYS A 50 -2.85 -11.37 -18.49
CA LYS A 50 -2.31 -12.70 -18.74
C LYS A 50 -0.87 -12.56 -19.22
N THR A 51 0.04 -13.39 -18.72
CA THR A 51 1.47 -13.39 -19.09
C THR A 51 1.81 -14.80 -19.53
N SER A 52 3.03 -15.00 -20.05
CA SER A 52 3.47 -16.34 -20.42
C SER A 52 3.52 -17.28 -19.21
N GLU A 53 3.75 -16.73 -18.02
CA GLU A 53 3.91 -17.51 -16.80
C GLU A 53 2.62 -17.67 -16.01
N GLY A 54 1.57 -16.90 -16.28
CA GLY A 54 0.32 -17.06 -15.52
C GLY A 54 -0.57 -15.84 -15.60
N THR A 55 -1.27 -15.51 -14.53
CA THR A 55 -2.21 -14.38 -14.55
C THR A 55 -1.96 -13.44 -13.37
N TRP A 56 -1.98 -12.15 -13.62
CA TRP A 56 -2.01 -11.13 -12.57
C TRP A 56 -3.47 -10.70 -12.43
N SER A 57 -4.00 -10.71 -11.22
CA SER A 57 -5.40 -10.35 -10.96
C SER A 57 -5.40 -9.17 -10.00
N PHE A 58 -6.19 -8.15 -10.28
CA PHE A 58 -6.28 -7.00 -9.39
C PHE A 58 -7.17 -7.40 -8.24
N LYS A 59 -6.65 -7.34 -7.02
CA LYS A 59 -7.52 -7.64 -5.85
CA LYS A 59 -7.47 -7.68 -5.81
C LYS A 59 -8.42 -6.47 -5.35
N SER A 60 -7.76 -5.40 -4.94
CA SER A 60 -8.46 -4.21 -4.42
C SER A 60 -7.44 -3.15 -4.08
N TYR A 61 -7.95 -1.97 -3.86
CA TYR A 61 -7.21 -0.96 -3.15
C TYR A 61 -7.36 -1.16 -1.63
N ASP A 62 -6.42 -0.56 -0.89
CA ASP A 62 -6.30 -0.62 0.58
CA ASP A 62 -6.39 -0.74 0.55
C ASP A 62 -7.47 0.04 1.27
N LYS A 63 -8.02 1.05 0.64
CA LYS A 63 -9.17 1.83 1.09
CA LYS A 63 -9.14 1.87 1.18
C LYS A 63 -10.13 1.92 -0.04
N THR A 64 -11.43 1.99 0.28
CA THR A 64 -12.45 2.29 -0.71
C THR A 64 -12.66 3.79 -0.88
N SER A 65 -12.27 4.61 0.11
CA SER A 65 -12.33 6.05 -0.09
C SER A 65 -11.42 6.71 0.91
N GLU A 66 -11.21 8.01 0.69
CA GLU A 66 -10.63 8.87 1.73
CA GLU A 66 -10.61 8.87 1.70
C GLU A 66 -11.25 10.25 1.59
N THR A 67 -11.46 10.91 2.72
CA THR A 67 -12.00 12.27 2.73
C THR A 67 -10.82 13.20 3.04
N VAL A 68 -10.51 14.06 2.10
CA VAL A 68 -9.32 14.89 2.17
C VAL A 68 -9.37 15.77 3.43
N ASN A 69 -8.24 15.81 4.13
CA ASN A 69 -8.15 16.58 5.36
C ASN A 69 -6.70 16.96 5.62
N GLY A 70 -6.18 17.87 4.81
CA GLY A 70 -4.88 18.46 5.07
C GLY A 70 -3.71 17.82 4.36
N SER A 71 -3.92 16.70 3.66
CA SER A 71 -2.85 15.98 3.00
C SER A 71 -3.32 15.41 1.67
N ASP A 72 -2.37 15.20 0.77
CA ASP A 72 -2.64 14.44 -0.43
C ASP A 72 -2.86 12.98 -0.02
N VAL A 73 -3.59 12.25 -0.87
N VAL A 73 -3.53 12.23 -0.87
CA VAL A 73 -4.13 10.91 -0.62
CA VAL A 73 -3.83 10.86 -0.48
C VAL A 73 -3.30 9.96 -1.49
C VAL A 73 -3.31 9.86 -1.51
N LYS A 74 -2.97 8.73 -0.98
CA LYS A 74 -2.45 7.65 -1.80
C LYS A 74 -3.32 6.42 -1.62
N PHE A 75 -3.76 5.85 -2.74
CA PHE A 75 -4.44 4.56 -2.75
C PHE A 75 -3.44 3.51 -3.28
N VAL A 76 -3.32 2.42 -2.52
CA VAL A 76 -2.38 1.32 -2.86
C VAL A 76 -3.22 0.15 -3.33
N GLY A 77 -2.98 -0.27 -4.58
CA GLY A 77 -3.70 -1.37 -5.19
C GLY A 77 -2.81 -2.60 -5.28
N THR A 78 -3.33 -3.79 -4.89
CA THR A 78 -2.59 -5.02 -4.83
C THR A 78 -3.02 -5.92 -5.98
N TRP A 79 -2.01 -6.46 -6.67
CA TRP A 79 -2.21 -7.45 -7.75
C TRP A 79 -1.73 -8.77 -7.18
N GLU A 80 -2.35 -9.87 -7.53
CA GLU A 80 -1.91 -11.22 -7.12
C GLU A 80 -1.48 -11.99 -8.37
N PHE A 81 -0.45 -12.78 -8.31
CA PHE A 81 0.03 -13.61 -9.41
C PHE A 81 -0.28 -15.08 -9.16
N THR A 82 -0.80 -15.76 -10.17
CA THR A 82 -1.00 -17.21 -10.12
C THR A 82 -0.33 -17.81 -11.36
N ALA A 83 0.53 -18.79 -11.16
CA ALA A 83 1.34 -19.30 -12.25
C ALA A 83 0.59 -20.37 -13.06
N THR B 2 5.16 -26.06 3.65
CA THR B 2 4.98 -24.84 4.48
C THR B 2 5.15 -23.59 3.61
N HIS B 3 4.59 -22.46 4.03
CA HIS B 3 4.67 -21.18 3.34
C HIS B 3 5.21 -20.14 4.31
N LYS B 4 5.36 -18.91 3.82
CA LYS B 4 5.87 -17.82 4.64
C LYS B 4 4.99 -16.59 4.48
N ALA B 5 5.15 -15.68 5.44
CA ALA B 5 4.56 -14.36 5.38
C ALA B 5 5.69 -13.35 5.36
N VAL B 6 5.61 -12.42 4.43
CA VAL B 6 6.58 -11.35 4.28
C VAL B 6 5.92 -10.01 4.50
N HIS B 7 6.75 -9.00 4.74
CA HIS B 7 6.30 -7.64 4.99
C HIS B 7 6.87 -6.74 3.91
N GLU B 8 6.11 -5.70 3.57
CA GLU B 8 6.58 -4.63 2.67
CA GLU B 8 6.57 -4.65 2.67
C GLU B 8 6.09 -3.32 3.26
N PHE B 9 6.95 -2.28 3.20
CA PHE B 9 6.54 -0.95 3.58
C PHE B 9 6.39 -0.06 2.35
N VAL B 10 5.41 0.83 2.41
CA VAL B 10 5.19 1.89 1.43
C VAL B 10 5.02 3.21 2.16
N SER B 11 5.30 4.29 1.44
CA SER B 11 4.96 5.62 1.89
C SER B 11 3.51 5.94 1.56
N GLY B 12 2.76 6.36 2.57
CA GLY B 12 1.42 6.87 2.37
C GLY B 12 1.35 8.34 2.03
N THR B 13 2.50 8.99 1.88
CA THR B 13 2.59 10.42 1.62
C THR B 13 3.01 10.60 0.16
N PRO B 14 2.07 11.01 -0.72
CA PRO B 14 2.42 11.19 -2.12
C PRO B 14 3.67 12.06 -2.28
N GLY B 15 4.56 11.59 -3.15
CA GLY B 15 5.76 12.33 -3.48
C GLY B 15 6.95 12.04 -2.60
N LYS B 16 6.75 11.42 -1.45
CA LYS B 16 7.82 11.26 -0.46
C LYS B 16 8.21 9.79 -0.40
N GLU B 17 9.48 9.49 -0.69
CA GLU B 17 9.99 8.11 -0.60
C GLU B 17 10.41 7.80 0.82
N LEU B 18 10.27 6.54 1.19
CA LEU B 18 10.76 6.08 2.51
C LEU B 18 12.27 6.17 2.60
N PRO B 19 12.79 6.66 3.73
CA PRO B 19 14.25 6.67 3.95
C PRO B 19 14.70 5.32 4.52
N GLN B 20 16.02 5.11 4.48
CA GLN B 20 16.62 3.90 5.06
C GLN B 20 16.22 3.70 6.50
N GLU B 21 16.09 4.78 7.27
CA GLU B 21 15.83 4.61 8.70
C GLU B 21 14.47 3.93 8.94
N VAL B 22 13.51 4.20 8.06
CA VAL B 22 12.22 3.50 8.11
C VAL B 22 12.31 2.10 7.52
N LYS B 23 12.96 1.98 6.33
CA LYS B 23 13.11 0.68 5.72
CA LYS B 23 13.11 0.67 5.70
C LYS B 23 13.74 -0.34 6.67
N ALA B 24 14.69 0.11 7.49
CA ALA B 24 15.40 -0.79 8.39
C ALA B 24 14.47 -1.37 9.48
N LEU B 25 13.29 -0.82 9.66
CA LEU B 25 12.33 -1.38 10.59
C LEU B 25 11.47 -2.48 9.98
N LEU B 26 11.69 -2.84 8.73
CA LEU B 26 10.89 -3.90 8.10
C LEU B 26 11.10 -5.21 8.85
N PRO B 27 10.02 -5.86 9.30
CA PRO B 27 10.20 -7.12 10.04
C PRO B 27 10.69 -8.24 9.15
N VAL B 28 11.27 -9.24 9.82
CA VAL B 28 11.70 -10.47 9.14
C VAL B 28 10.50 -11.27 8.68
N ASP B 29 10.74 -12.18 7.72
CA ASP B 29 9.70 -13.09 7.31
C ASP B 29 9.32 -14.03 8.45
N GLN B 30 8.06 -14.44 8.45
CA GLN B 30 7.56 -15.52 9.29
C GLN B 30 7.53 -16.77 8.42
N THR B 31 8.30 -17.79 8.80
CA THR B 31 8.48 -18.97 7.96
C THR B 31 7.83 -20.20 8.60
N ASP B 32 7.83 -21.28 7.84
CA ASP B 32 7.34 -22.59 8.30
C ASP B 32 5.88 -22.55 8.72
N LEU B 33 5.06 -21.88 7.93
CA LEU B 33 3.64 -21.74 8.24
C LEU B 33 2.85 -22.88 7.59
N LYS B 34 2.12 -23.67 8.37
CA LYS B 34 1.29 -24.77 7.85
C LYS B 34 -0.03 -24.20 7.35
N ASP B 35 -0.64 -24.80 6.34
CA ASP B 35 -1.96 -24.38 5.83
C ASP B 35 -2.96 -24.44 7.01
N GLY B 36 -3.81 -23.43 7.18
CA GLY B 36 -4.80 -23.37 8.26
C GLY B 36 -4.34 -22.47 9.38
N ILE B 37 -3.06 -22.14 9.48
CA ILE B 37 -2.63 -21.26 10.59
C ILE B 37 -3.07 -19.83 10.25
N GLN B 38 -3.48 -19.06 11.24
CA GLN B 38 -3.82 -17.64 11.10
C GLN B 38 -2.51 -16.89 11.35
N VAL B 39 -2.00 -16.17 10.36
CA VAL B 39 -0.76 -15.41 10.53
C VAL B 39 -1.14 -13.93 10.70
N THR B 40 -0.41 -13.22 11.55
CA THR B 40 -0.63 -11.79 11.79
C THR B 40 0.67 -11.05 11.50
N PRO B 41 0.61 -9.79 11.08
CA PRO B 41 1.84 -9.07 10.74
C PRO B 41 2.64 -8.77 12.01
N THR B 42 3.95 -8.73 11.86
CA THR B 42 4.83 -8.32 12.94
C THR B 42 4.88 -6.80 13.03
N GLN B 43 4.73 -6.26 14.23
CA GLN B 43 4.84 -4.81 14.39
C GLN B 43 6.26 -4.36 14.20
N PRO B 44 6.50 -3.28 13.51
N PRO B 44 6.46 -3.15 13.64
CA PRO B 44 7.84 -2.70 13.56
CA PRO B 44 7.81 -2.58 13.63
C PRO B 44 8.21 -2.42 15.03
C PRO B 44 8.23 -2.21 15.05
N SER B 45 9.53 -2.32 15.30
CA SER B 45 10.04 -2.12 16.66
CA SER B 45 10.06 -2.13 16.66
C SER B 45 9.94 -0.67 17.13
N GLN B 46 9.71 0.26 16.19
CA GLN B 46 9.37 1.65 16.46
C GLN B 46 8.21 2.00 15.56
N THR B 47 7.26 2.81 16.06
CA THR B 47 6.17 3.29 15.22
C THR B 47 6.28 4.75 14.86
N GLU B 48 7.34 5.44 15.31
CA GLU B 48 7.62 6.81 14.95
C GLU B 48 9.12 6.98 14.83
N VAL B 49 9.55 7.68 13.78
N VAL B 49 9.57 7.64 13.77
CA VAL B 49 10.93 7.94 13.44
CA VAL B 49 10.98 7.96 13.55
C VAL B 49 11.04 9.45 13.20
C VAL B 49 11.07 9.44 13.20
N LYS B 50 11.91 10.17 13.92
CA LYS B 50 12.09 11.61 13.72
C LYS B 50 13.38 11.83 12.97
N THR B 51 13.29 12.36 11.76
CA THR B 51 14.46 12.58 10.92
C THR B 51 14.74 14.09 10.84
N SER B 52 15.84 14.42 10.17
CA SER B 52 16.18 15.83 10.00
C SER B 52 15.06 16.56 9.28
N GLU B 53 14.35 15.87 8.40
CA GLU B 53 13.35 16.48 7.53
C GLU B 53 11.96 16.52 8.14
N GLY B 54 11.66 15.70 9.12
CA GLY B 54 10.31 15.61 9.68
C GLY B 54 10.11 14.30 10.45
N THR B 55 8.86 13.89 10.59
CA THR B 55 8.53 12.68 11.33
C THR B 55 7.80 11.67 10.45
N TRP B 56 8.21 10.40 10.53
CA TRP B 56 7.50 9.31 9.89
C TRP B 56 6.75 8.53 10.99
N SER B 57 5.47 8.30 10.75
CA SER B 57 4.61 7.58 11.68
C SER B 57 4.00 6.38 11.00
N PHE B 58 4.03 5.25 11.67
CA PHE B 58 3.47 4.03 11.13
C PHE B 58 1.96 4.09 11.23
N LYS B 59 1.31 3.97 10.08
CA LYS B 59 -0.18 4.00 10.08
CA LYS B 59 -0.19 3.97 10.19
C LYS B 59 -0.80 2.64 10.46
N SER B 60 -0.58 1.65 9.61
CA SER B 60 -1.16 0.33 9.79
C SER B 60 -0.67 -0.61 8.70
N TYR B 61 -0.93 -1.89 8.92
CA TYR B 61 -0.90 -2.87 7.88
C TYR B 61 -2.26 -2.96 7.18
N ASP B 62 -2.27 -3.50 5.97
CA ASP B 62 -3.48 -3.55 5.16
C ASP B 62 -4.50 -4.51 5.72
N LYS B 63 -4.06 -5.53 6.46
CA LYS B 63 -4.96 -6.44 7.15
C LYS B 63 -4.26 -6.87 8.44
N THR B 64 -5.05 -7.35 9.40
CA THR B 64 -4.55 -7.74 10.72
C THR B 64 -4.28 -9.23 10.83
N SER B 65 -4.74 -10.02 9.88
CA SER B 65 -4.50 -11.45 9.91
CA SER B 65 -4.50 -11.46 9.91
C SER B 65 -4.85 -12.01 8.53
N GLU B 66 -4.32 -13.19 8.25
CA GLU B 66 -4.68 -13.95 7.03
C GLU B 66 -4.57 -15.44 7.36
N THR B 67 -5.49 -16.25 6.85
CA THR B 67 -5.39 -17.70 7.01
C THR B 67 -4.48 -18.22 5.91
N VAL B 68 -3.42 -18.95 6.23
CA VAL B 68 -2.51 -19.53 5.22
C VAL B 68 -3.32 -20.60 4.46
N ASN B 69 -3.34 -20.53 3.13
CA ASN B 69 -4.20 -21.40 2.31
C ASN B 69 -3.60 -21.52 0.90
N GLY B 70 -2.47 -22.19 0.82
CA GLY B 70 -1.83 -22.53 -0.45
C GLY B 70 -0.92 -21.47 -1.02
N SER B 71 -0.65 -20.36 -0.33
CA SER B 71 0.19 -19.33 -0.92
C SER B 71 0.97 -18.62 0.20
N ASP B 72 2.09 -18.02 -0.17
CA ASP B 72 2.74 -17.08 0.73
C ASP B 72 1.87 -15.83 0.87
N VAL B 73 2.04 -15.14 2.01
CA VAL B 73 1.25 -13.99 2.41
C VAL B 73 2.16 -12.78 2.38
N LYS B 74 1.65 -11.63 1.95
CA LYS B 74 2.35 -10.36 2.11
C LYS B 74 1.48 -9.39 2.91
N PHE B 75 2.06 -8.82 3.95
CA PHE B 75 1.48 -7.71 4.69
C PHE B 75 2.15 -6.42 4.25
N VAL B 76 1.34 -5.43 3.86
CA VAL B 76 1.83 -4.13 3.42
C VAL B 76 1.54 -3.10 4.50
N GLY B 77 2.59 -2.45 4.97
CA GLY B 77 2.50 -1.45 6.02
C GLY B 77 2.78 -0.07 5.45
N THR B 78 1.96 0.91 5.85
CA THR B 78 2.08 2.27 5.34
CA THR B 78 2.05 2.28 5.35
C THR B 78 2.61 3.19 6.43
N TRP B 79 3.54 4.07 6.03
CA TRP B 79 4.09 5.11 6.88
C TRP B 79 3.72 6.48 6.31
N GLU B 80 3.44 7.43 7.18
CA GLU B 80 3.06 8.78 6.77
C GLU B 80 4.12 9.74 7.26
N PHE B 81 4.43 10.73 6.42
CA PHE B 81 5.46 11.74 6.71
C PHE B 81 4.78 13.08 6.98
N THR B 82 5.29 13.75 8.00
CA THR B 82 4.95 15.14 8.34
C THR B 82 6.25 15.95 8.36
N ALA B 83 6.31 16.99 7.54
CA ALA B 83 7.50 17.81 7.45
C ALA B 83 7.71 18.62 8.72
N SER B 84 8.88 18.87 9.13
CA SER B 84 9.26 19.84 10.17
C SER B 84 8.80 21.25 9.78
#